data_8A6H
#
_entry.id   8A6H
#
_cell.length_a   82.499
_cell.length_b   112.234
_cell.length_c   62.756
_cell.angle_alpha   90.000
_cell.angle_beta   90.000
_cell.angle_gamma   90.000
#
_symmetry.space_group_name_H-M   'C 2 2 21'
#
loop_
_entity.id
_entity.type
_entity.pdbx_description
1 polymer '14-3-3 protein sigma'
2 polymer 'RAF proto-oncogene serine/threonine-protein kinase'
3 non-polymer 'CHLORIDE ION'
4 non-polymer 'MAGNESIUM ION'
5 non-polymer 3-[2-(dimethylamino)ethyldisulfanyl]-1-[4-oxidanyl-4-[3-(trifluoromethyl)phenyl]piperidin-1-yl]propan-1-one
6 water water
#
loop_
_entity_poly.entity_id
_entity_poly.type
_entity_poly.pdbx_seq_one_letter_code
_entity_poly.pdbx_strand_id
1 'polypeptide(L)'
;GAMGSMERASLIQKAKLAEQAERYEDMAAFMKGAVEKGEELSCEERNLLSVAYKNVVGGQRAAWRVLSSIEQKSNEEGSE
EKGPEVREYREKVETELQGVCDTVLGLLDSHLIKEAGDAESRVFYLKMKGDYYRYLAEVATGDDKKRIIDSARSAYQEAM
DISKKEMPPTNPIRLGLALNFSVFHYEIANSPEEAISLAKTTFDEAMADLHTLSEDSYKDSTLIMQLLRDNLTLWT
;
A
2 'polypeptide(L)' QRST(SEP)TPNVH(NH2) P
#
loop_
_chem_comp.id
_chem_comp.type
_chem_comp.name
_chem_comp.formula
CL non-polymer 'CHLORIDE ION' 'Cl -1'
L6L non-polymer 3-[2-(dimethylamino)ethyldisulfanyl]-1-[4-oxidanyl-4-[3-(trifluoromethyl)phenyl]piperidin-1-yl]propan-1-one 'C19 H27 F3 N2 O2 S2'
MG non-polymer 'MAGNESIUM ION' 'Mg 2'
NH2 non-polymer 'AMINO GROUP' 'H2 N'
#
# COMPACT_ATOMS: atom_id res chain seq x y z
N GLY A 1 -2.45 25.21 1.96
CA GLY A 1 -1.33 24.25 1.74
C GLY A 1 -0.08 24.98 1.30
N ALA A 2 1.07 24.56 1.83
CA ALA A 2 2.32 25.23 1.52
C ALA A 2 2.71 25.08 0.07
N MET A 3 2.13 24.12 -0.66
CA MET A 3 2.42 23.94 -2.08
C MET A 3 1.44 24.67 -2.97
N GLY A 4 0.49 25.42 -2.39
CA GLY A 4 -0.55 26.05 -3.18
C GLY A 4 -0.04 27.08 -4.19
N SER A 5 1.10 27.69 -3.91
CA SER A 5 1.64 28.69 -4.83
C SER A 5 2.55 28.12 -5.91
N MET A 6 2.83 26.82 -5.89
CA MET A 6 3.72 26.23 -6.89
C MET A 6 2.96 25.61 -8.05
N GLU A 7 3.48 25.82 -9.26
CA GLU A 7 2.91 25.19 -10.43
C GLU A 7 2.83 23.68 -10.30
N ARG A 8 1.72 23.14 -10.81
CA ARG A 8 1.59 21.69 -10.89
C ARG A 8 2.83 21.04 -11.52
N ALA A 9 3.26 21.55 -12.68
CA ALA A 9 4.37 20.90 -13.37
C ALA A 9 5.65 20.97 -12.55
N SER A 10 5.84 22.09 -11.83
CA SER A 10 7.00 22.26 -10.96
C SER A 10 6.98 21.27 -9.79
N LEU A 11 5.78 21.02 -9.24
CA LEU A 11 5.64 20.03 -8.16
C LEU A 11 6.02 18.64 -8.65
N ILE A 12 5.56 18.26 -9.84
CA ILE A 12 5.91 16.94 -10.39
C ILE A 12 7.41 16.87 -10.66
N GLN A 13 7.99 17.94 -11.23
CA GLN A 13 9.42 17.97 -11.48
C GLN A 13 10.19 17.77 -10.17
N LYS A 14 9.80 18.48 -9.12
CA LYS A 14 10.51 18.38 -7.86
C LYS A 14 10.25 17.04 -7.18
N ALA A 15 9.06 16.45 -7.34
CA ALA A 15 8.85 15.10 -6.84
C ALA A 15 9.85 14.14 -7.45
N LYS A 16 10.14 14.28 -8.75
CA LYS A 16 11.10 13.39 -9.39
C LYS A 16 12.53 13.63 -8.87
N LEU A 17 12.88 14.91 -8.65
CA LEU A 17 14.18 15.23 -8.05
C LEU A 17 14.29 14.64 -6.65
N ALA A 18 13.23 14.80 -5.84
CA ALA A 18 13.22 14.25 -4.48
C ALA A 18 13.40 12.74 -4.50
N GLU A 19 12.77 12.07 -5.48
CA GLU A 19 12.96 10.63 -5.63
C GLU A 19 14.42 10.30 -5.86
N GLN A 20 15.07 11.05 -6.75
CA GLN A 20 16.48 10.82 -7.08
C GLN A 20 17.35 11.01 -5.84
N ALA A 21 17.00 11.98 -4.99
CA ALA A 21 17.72 12.31 -3.77
C ALA A 21 17.31 11.46 -2.58
N GLU A 22 16.38 10.53 -2.76
CA GLU A 22 15.84 9.69 -1.69
C GLU A 22 15.26 10.54 -0.55
N ARG A 23 14.61 11.63 -0.93
CA ARG A 23 13.96 12.55 0.01
C ARG A 23 12.46 12.32 -0.07
N TYR A 24 12.00 11.22 0.52
CA TYR A 24 10.64 10.77 0.25
C TYR A 24 9.59 11.58 0.99
N GLU A 25 9.89 12.16 2.16
CA GLU A 25 8.94 13.08 2.78
C GLU A 25 8.69 14.29 1.89
N ASP A 26 9.76 14.86 1.31
CA ASP A 26 9.58 15.94 0.36
C ASP A 26 8.78 15.47 -0.85
N MET A 27 9.13 14.30 -1.38
CA MET A 27 8.43 13.76 -2.55
C MET A 27 6.96 13.66 -2.30
N ALA A 28 6.58 13.20 -1.11
CA ALA A 28 5.17 13.05 -0.76
C ALA A 28 4.49 14.40 -0.66
N ALA A 29 5.15 15.37 -0.04
CA ALA A 29 4.57 16.71 0.04
C ALA A 29 4.37 17.33 -1.33
N PHE A 30 5.33 17.15 -2.24
CA PHE A 30 5.18 17.66 -3.60
C PHE A 30 3.99 17.01 -4.29
N MET A 31 3.88 15.68 -4.16
CA MET A 31 2.79 14.99 -4.83
C MET A 31 1.43 15.28 -4.21
N LYS A 32 1.36 15.47 -2.89
CA LYS A 32 0.14 15.95 -2.29
C LYS A 32 -0.27 17.28 -2.89
N GLY A 33 0.70 18.20 -3.03
CA GLY A 33 0.41 19.47 -3.65
C GLY A 33 -0.09 19.32 -5.07
N ALA A 34 0.50 18.39 -5.82
CA ALA A 34 0.06 18.16 -7.20
C ALA A 34 -1.36 17.63 -7.22
N VAL A 35 -1.69 16.69 -6.34
CA VAL A 35 -3.05 16.17 -6.31
C VAL A 35 -4.04 17.28 -6.00
N GLU A 36 -3.68 18.16 -5.07
CA GLU A 36 -4.59 19.20 -4.61
C GLU A 36 -4.82 20.27 -5.67
N LYS A 37 -4.08 20.24 -6.78
CA LYS A 37 -4.42 21.11 -7.90
C LYS A 37 -5.76 20.74 -8.51
N GLY A 38 -6.23 19.51 -8.28
CA GLY A 38 -7.59 19.12 -8.64
C GLY A 38 -7.72 18.42 -9.96
N GLU A 39 -6.66 18.34 -10.75
CA GLU A 39 -6.67 17.60 -11.99
C GLU A 39 -6.38 16.13 -11.72
N GLU A 40 -6.92 15.27 -12.57
CA GLU A 40 -6.59 13.86 -12.52
C GLU A 40 -5.08 13.64 -12.74
N LEU A 41 -4.60 12.48 -12.31
CA LEU A 41 -3.18 12.14 -12.44
C LEU A 41 -2.95 11.13 -13.57
N SER A 42 -1.86 11.34 -14.29
CA SER A 42 -1.43 10.38 -15.29
C SER A 42 -0.86 9.14 -14.62
N CYS A 43 -0.55 8.12 -15.44
CA CYS A 43 0.04 6.90 -14.88
C CYS A 43 1.34 7.21 -14.15
N GLU A 44 2.23 7.97 -14.79
CA GLU A 44 3.50 8.30 -14.16
C GLU A 44 3.28 9.05 -12.85
N GLU A 45 2.32 9.97 -12.83
CA GLU A 45 2.04 10.75 -11.63
C GLU A 45 1.43 9.89 -10.52
N ARG A 46 0.50 9.00 -10.86
CA ARG A 46 -0.01 8.08 -9.85
C ARG A 46 1.13 7.28 -9.25
N ASN A 47 2.07 6.82 -10.08
CA ASN A 47 3.19 6.06 -9.56
C ASN A 47 4.06 6.90 -8.61
N LEU A 48 4.29 8.18 -8.94
CA LEU A 48 5.08 9.01 -8.04
C LEU A 48 4.40 9.17 -6.70
N LEU A 49 3.08 9.37 -6.70
CA LEU A 49 2.32 9.47 -5.47
C LEU A 49 2.47 8.22 -4.61
N SER A 50 2.36 7.05 -5.25
CA SER A 50 2.47 5.79 -4.55
C SER A 50 3.87 5.55 -4.01
N VAL A 51 4.89 5.79 -4.85
CA VAL A 51 6.28 5.60 -4.40
C VAL A 51 6.57 6.47 -3.19
N ALA A 52 6.14 7.73 -3.24
CA ALA A 52 6.46 8.67 -2.17
C ALA A 52 5.86 8.20 -0.84
N TYR A 53 4.55 7.99 -0.82
CA TYR A 53 3.89 7.67 0.44
C TYR A 53 4.25 6.28 0.92
N LYS A 54 4.51 5.34 -0.02
CA LYS A 54 4.88 4.00 0.42
C LYS A 54 6.20 4.04 1.15
N ASN A 55 7.15 4.86 0.67
CA ASN A 55 8.42 4.99 1.36
C ASN A 55 8.25 5.67 2.71
N VAL A 56 7.44 6.72 2.78
CA VAL A 56 7.23 7.38 4.06
C VAL A 56 6.60 6.42 5.06
N VAL A 57 5.46 5.81 4.68
CA VAL A 57 4.78 4.94 5.65
C VAL A 57 5.62 3.70 5.91
N GLY A 58 6.45 3.30 4.96
CA GLY A 58 7.31 2.14 5.18
C GLY A 58 8.32 2.37 6.29
N GLY A 59 8.90 3.55 6.35
CA GLY A 59 9.78 3.87 7.46
C GLY A 59 9.05 3.87 8.77
N GLN A 60 7.83 4.40 8.79
CA GLN A 60 7.04 4.45 10.01
C GLN A 60 6.67 3.05 10.48
N ARG A 61 6.24 2.19 9.55
CA ARG A 61 5.88 0.84 9.89
C ARG A 61 7.07 0.08 10.48
N ALA A 62 8.25 0.23 9.86
CA ALA A 62 9.42 -0.44 10.39
C ALA A 62 9.73 0.04 11.79
N ALA A 63 9.67 1.35 12.00
CA ALA A 63 9.96 1.89 13.33
C ALA A 63 8.92 1.42 14.35
N TRP A 64 7.63 1.44 13.96
CA TRP A 64 6.56 1.02 14.86
C TRP A 64 6.76 -0.44 15.29
N ARG A 65 7.19 -1.29 14.35
CA ARG A 65 7.40 -2.70 14.69
C ARG A 65 8.53 -2.86 15.70
N VAL A 66 9.60 -2.08 15.55
CA VAL A 66 10.71 -2.14 16.51
C VAL A 66 10.21 -1.75 17.89
N LEU A 67 9.47 -0.64 17.96
CA LEU A 67 9.02 -0.12 19.25
C LEU A 67 7.96 -1.02 19.88
N SER A 68 7.03 -1.53 19.07
CA SER A 68 6.04 -2.47 19.59
C SER A 68 6.70 -3.71 20.17
N SER A 69 7.76 -4.21 19.52
CA SER A 69 8.43 -5.40 20.04
C SER A 69 9.11 -5.09 21.37
N ILE A 70 9.74 -3.92 21.49
CA ILE A 70 10.35 -3.55 22.76
C ILE A 70 9.28 -3.43 23.84
N GLU A 71 8.14 -2.83 23.49
CA GLU A 71 7.06 -2.64 24.44
C GLU A 71 6.50 -3.97 24.92
N GLN A 72 6.32 -4.91 23.99
CA GLN A 72 5.77 -6.21 24.37
C GLN A 72 6.74 -6.95 25.29
N LYS A 73 8.04 -6.82 25.04
CA LYS A 73 9.03 -7.44 25.91
C LYS A 73 9.00 -6.80 27.29
N SER A 74 8.88 -5.48 27.36
CA SER A 74 8.81 -4.79 28.64
C SER A 74 7.57 -5.19 29.44
N ASN A 75 6.52 -5.66 28.77
CA ASN A 75 5.29 -6.08 29.44
C ASN A 75 5.22 -7.59 29.57
N GLU A 76 6.29 -8.21 30.08
CA GLU A 76 6.31 -9.64 30.36
C GLU A 76 6.75 -9.86 31.80
N GLU A 77 6.22 -10.92 32.40
CA GLU A 77 6.57 -11.27 33.78
C GLU A 77 8.09 -11.39 33.91
N GLY A 78 8.67 -10.55 34.75
CA GLY A 78 10.10 -10.55 34.98
C GLY A 78 10.86 -9.41 34.33
N SER A 79 10.16 -8.44 33.74
CA SER A 79 10.79 -7.30 33.09
C SER A 79 10.73 -6.11 34.03
N GLU A 80 11.90 -5.52 34.31
CA GLU A 80 11.98 -4.32 35.13
C GLU A 80 11.18 -3.20 34.48
N GLU A 81 9.99 -2.91 35.03
CA GLU A 81 9.15 -1.88 34.43
C GLU A 81 9.87 -0.53 34.46
N LYS A 82 9.97 0.09 33.28
CA LYS A 82 10.86 1.23 33.06
C LYS A 82 10.10 2.52 32.79
N GLY A 83 8.87 2.62 33.28
CA GLY A 83 8.11 3.84 33.14
C GLY A 83 7.34 3.90 31.84
N PRO A 84 6.74 5.06 31.58
CA PRO A 84 5.82 5.19 30.44
C PRO A 84 6.49 5.47 29.11
N GLU A 85 7.83 5.55 29.06
CA GLU A 85 8.48 6.14 27.88
C GLU A 85 8.33 5.28 26.63
N VAL A 86 8.48 3.96 26.75
CA VAL A 86 8.35 3.09 25.58
C VAL A 86 6.97 3.23 24.98
N ARG A 87 5.93 3.14 25.82
CA ARG A 87 4.57 3.31 25.32
C ARG A 87 4.38 4.68 24.70
N GLU A 88 4.84 5.73 25.38
CA GLU A 88 4.69 7.08 24.85
C GLU A 88 5.29 7.21 23.48
N TYR A 89 6.51 6.70 23.29
CA TYR A 89 7.21 6.89 22.03
C TYR A 89 6.60 6.01 20.93
N ARG A 90 6.20 4.78 21.27
CA ARG A 90 5.42 3.96 20.33
C ARG A 90 4.15 4.67 19.91
N GLU A 91 3.44 5.30 20.87
CA GLU A 91 2.22 6.05 20.54
C GLU A 91 2.53 7.24 19.62
N LYS A 92 3.66 7.91 19.85
CA LYS A 92 4.03 9.04 18.99
C LYS A 92 4.20 8.59 17.56
N VAL A 93 5.01 7.55 17.35
CA VAL A 93 5.23 7.03 16.00
C VAL A 93 3.92 6.53 15.41
N GLU A 94 3.12 5.81 16.20
CA GLU A 94 1.83 5.32 15.74
C GLU A 94 0.92 6.45 15.27
N THR A 95 0.87 7.55 16.02
CA THR A 95 0.01 8.66 15.64
C THR A 95 0.49 9.30 14.33
N GLU A 96 1.81 9.41 14.15
CA GLU A 96 2.36 9.94 12.92
C GLU A 96 2.03 9.04 11.74
N LEU A 97 2.15 7.72 11.95
CA LEU A 97 1.77 6.76 10.91
C LEU A 97 0.30 6.89 10.54
N GLN A 98 -0.58 6.92 11.55
CA GLN A 98 -2.01 7.09 11.30
C GLN A 98 -2.29 8.37 10.55
N GLY A 99 -1.55 9.43 10.89
CA GLY A 99 -1.71 10.68 10.17
C GLY A 99 -1.37 10.58 8.69
N VAL A 100 -0.26 9.90 8.36
CA VAL A 100 0.09 9.70 6.97
C VAL A 100 -0.99 8.89 6.26
N CYS A 101 -1.46 7.82 6.90
CA CYS A 101 -2.53 7.02 6.30
C CYS A 101 -3.78 7.87 6.06
N ASP A 102 -4.17 8.67 7.07
CA ASP A 102 -5.35 9.51 6.93
C ASP A 102 -5.17 10.53 5.81
N THR A 103 -3.94 11.05 5.64
CA THR A 103 -3.68 11.99 4.56
C THR A 103 -3.90 11.34 3.21
N VAL A 104 -3.32 10.14 3.01
CA VAL A 104 -3.48 9.46 1.74
C VAL A 104 -4.95 9.13 1.49
N LEU A 105 -5.64 8.58 2.51
CA LEU A 105 -7.05 8.26 2.36
C LEU A 105 -7.85 9.51 2.03
N GLY A 106 -7.46 10.64 2.62
CA GLY A 106 -8.14 11.90 2.32
C GLY A 106 -7.99 12.32 0.88
N LEU A 107 -6.79 12.16 0.31
CA LEU A 107 -6.59 12.50 -1.09
C LEU A 107 -7.41 11.58 -1.99
N LEU A 108 -7.48 10.28 -1.65
CA LEU A 108 -8.29 9.37 -2.45
C LEU A 108 -9.77 9.72 -2.39
N ASP A 109 -10.26 10.12 -1.21
CA ASP A 109 -11.66 10.46 -1.03
C ASP A 109 -12.00 11.84 -1.56
N SER A 110 -11.00 12.71 -1.75
CA SER A 110 -11.24 14.11 -2.12
C SER A 110 -10.14 14.54 -3.08
N HIS A 111 -10.23 14.15 -4.37
CA HIS A 111 -11.36 13.47 -4.98
C HIS A 111 -10.87 12.48 -6.02
N LEU A 112 -9.73 11.82 -5.75
CA LEU A 112 -9.12 11.01 -6.79
C LEU A 112 -10.03 9.87 -7.24
N ILE A 113 -10.62 9.13 -6.30
CA ILE A 113 -11.39 7.95 -6.68
C ILE A 113 -12.62 8.33 -7.49
N LYS A 114 -13.37 9.34 -7.05
CA LYS A 114 -14.64 9.62 -7.72
C LYS A 114 -14.45 10.14 -9.12
N GLU A 115 -13.27 10.71 -9.46
CA GLU A 115 -13.00 11.17 -10.82
C GLU A 115 -12.33 10.12 -11.67
N ALA A 116 -12.00 8.96 -11.10
CA ALA A 116 -11.28 7.91 -11.81
C ALA A 116 -12.28 6.94 -12.43
N GLY A 117 -12.40 7.02 -13.74
CA GLY A 117 -13.35 6.20 -14.48
C GLY A 117 -12.70 5.08 -15.26
N ASP A 118 -11.48 5.28 -15.72
CA ASP A 118 -10.80 4.20 -16.44
C ASP A 118 -10.38 3.14 -15.43
N ALA A 119 -10.37 1.88 -15.88
CA ALA A 119 -10.04 0.80 -14.96
C ALA A 119 -8.64 0.94 -14.35
N GLU A 120 -7.66 1.33 -15.17
CA GLU A 120 -6.28 1.40 -14.68
C GLU A 120 -6.16 2.41 -13.55
N SER A 121 -6.85 3.54 -13.65
CA SER A 121 -6.75 4.51 -12.56
C SER A 121 -7.62 4.11 -11.37
N ARG A 122 -8.85 3.68 -11.63
CA ARG A 122 -9.75 3.35 -10.53
C ARG A 122 -9.25 2.17 -9.71
N VAL A 123 -8.79 1.09 -10.37
CA VAL A 123 -8.25 -0.04 -9.62
C VAL A 123 -7.02 0.36 -8.82
N PHE A 124 -6.13 1.15 -9.41
CA PHE A 124 -4.95 1.62 -8.68
C PHE A 124 -5.35 2.36 -7.41
N TYR A 125 -6.32 3.26 -7.51
CA TYR A 125 -6.69 4.04 -6.33
C TYR A 125 -7.42 3.20 -5.29
N LEU A 126 -8.29 2.29 -5.72
CA LEU A 126 -8.99 1.45 -4.76
C LEU A 126 -8.01 0.49 -4.07
N LYS A 127 -7.04 -0.03 -4.81
CA LYS A 127 -5.98 -0.80 -4.17
C LYS A 127 -5.24 0.03 -3.13
N MET A 128 -4.92 1.29 -3.47
CA MET A 128 -4.27 2.17 -2.50
C MET A 128 -5.11 2.36 -1.26
N LYS A 129 -6.42 2.56 -1.43
CA LYS A 129 -7.31 2.69 -0.29
C LYS A 129 -7.27 1.44 0.58
N GLY A 130 -7.31 0.26 -0.05
CA GLY A 130 -7.17 -0.96 0.72
C GLY A 130 -5.84 -1.02 1.48
N ASP A 131 -4.74 -0.67 0.80
CA ASP A 131 -3.42 -0.70 1.40
C ASP A 131 -3.32 0.19 2.63
N TYR A 132 -3.81 1.44 2.55
CA TYR A 132 -3.65 2.36 3.67
C TYR A 132 -4.63 2.05 4.79
N TYR A 133 -5.81 1.48 4.51
CA TYR A 133 -6.59 0.91 5.63
C TYR A 133 -5.86 -0.30 6.23
N ARG A 134 -5.18 -1.10 5.40
CA ARG A 134 -4.43 -2.23 5.94
C ARG A 134 -3.31 -1.77 6.86
N TYR A 135 -2.62 -0.69 6.50
CA TYR A 135 -1.57 -0.18 7.39
C TYR A 135 -2.18 0.35 8.69
N LEU A 136 -3.34 0.99 8.61
CA LEU A 136 -4.04 1.35 9.84
C LEU A 136 -4.40 0.12 10.66
N ALA A 137 -4.83 -0.95 10.00
CA ALA A 137 -5.20 -2.18 10.71
C ALA A 137 -4.02 -2.77 11.45
N GLU A 138 -2.81 -2.65 10.88
CA GLU A 138 -1.63 -3.23 11.51
C GLU A 138 -1.40 -2.67 12.91
N VAL A 139 -1.85 -1.44 13.19
CA VAL A 139 -1.63 -0.82 14.49
C VAL A 139 -2.90 -0.67 15.29
N ALA A 140 -4.03 -1.13 14.77
CA ALA A 140 -5.30 -0.93 15.42
C ALA A 140 -5.53 -2.00 16.47
N THR A 141 -6.22 -1.61 17.54
CA THR A 141 -6.56 -2.59 18.56
C THR A 141 -8.05 -2.51 18.87
N GLY A 142 -8.47 -1.39 19.45
CA GLY A 142 -9.75 -1.28 20.11
C GLY A 142 -10.99 -1.62 19.31
N ASP A 143 -12.05 -0.84 19.50
CA ASP A 143 -13.30 -1.13 18.81
C ASP A 143 -13.10 -1.09 17.30
N ASP A 144 -12.29 -0.15 16.84
CA ASP A 144 -12.27 0.15 15.42
C ASP A 144 -11.35 -0.77 14.61
N LYS A 145 -10.64 -1.72 15.21
CA LYS A 145 -9.89 -2.63 14.36
C LYS A 145 -10.82 -3.37 13.39
N LYS A 146 -11.96 -3.85 13.90
CA LYS A 146 -12.92 -4.55 13.06
C LYS A 146 -13.38 -3.67 11.91
N ARG A 147 -13.72 -2.40 12.19
CA ARG A 147 -14.24 -1.53 11.14
C ARG A 147 -13.16 -1.16 10.14
N ILE A 148 -11.91 -0.97 10.62
CA ILE A 148 -10.80 -0.68 9.70
C ILE A 148 -10.57 -1.85 8.76
N ILE A 149 -10.59 -3.08 9.29
CA ILE A 149 -10.41 -4.27 8.48
C ILE A 149 -11.50 -4.36 7.42
N ASP A 150 -12.74 -4.07 7.81
CA ASP A 150 -13.81 -4.13 6.84
C ASP A 150 -13.67 -3.09 5.74
N SER A 151 -13.17 -1.89 6.10
CA SER A 151 -12.92 -0.86 5.11
C SER A 151 -11.84 -1.29 4.12
N ALA A 152 -10.76 -1.89 4.62
CA ALA A 152 -9.73 -2.41 3.72
C ALA A 152 -10.30 -3.48 2.79
N ARG A 153 -11.00 -4.44 3.39
CA ARG A 153 -11.59 -5.52 2.60
C ARG A 153 -12.51 -4.99 1.51
N SER A 154 -13.36 -4.00 1.85
CA SER A 154 -14.32 -3.46 0.90
C SER A 154 -13.62 -2.80 -0.27
N ALA A 155 -12.58 -2.04 0.02
CA ALA A 155 -11.85 -1.37 -1.06
C ALA A 155 -11.16 -2.38 -1.96
N TYR A 156 -10.46 -3.35 -1.37
CA TYR A 156 -9.82 -4.38 -2.17
C TYR A 156 -10.83 -5.14 -3.01
N GLN A 157 -11.99 -5.46 -2.43
CA GLN A 157 -12.98 -6.24 -3.17
C GLN A 157 -13.52 -5.46 -4.37
N GLU A 158 -13.82 -4.17 -4.19
CA GLU A 158 -14.26 -3.37 -5.33
C GLU A 158 -13.19 -3.33 -6.42
N ALA A 159 -11.94 -3.16 -6.01
CA ALA A 159 -10.85 -3.16 -6.98
C ALA A 159 -10.74 -4.50 -7.70
N MET A 160 -10.90 -5.61 -6.96
CA MET A 160 -10.83 -6.94 -7.58
C MET A 160 -11.93 -7.15 -8.58
N ASP A 161 -13.15 -6.72 -8.22
CA ASP A 161 -14.28 -6.91 -9.14
C ASP A 161 -14.00 -6.20 -10.47
N ILE A 162 -13.52 -4.95 -10.41
CA ILE A 162 -13.24 -4.21 -11.63
C ILE A 162 -12.09 -4.86 -12.41
N SER A 163 -11.02 -5.26 -11.70
CA SER A 163 -9.84 -5.79 -12.39
C SER A 163 -10.17 -7.08 -13.13
N LYS A 164 -11.01 -7.92 -12.55
CA LYS A 164 -11.35 -9.20 -13.19
C LYS A 164 -12.22 -8.97 -14.42
N LYS A 165 -13.03 -7.92 -14.41
CA LYS A 165 -13.87 -7.60 -15.55
C LYS A 165 -13.11 -6.90 -16.66
N GLU A 166 -12.14 -6.05 -16.30
CA GLU A 166 -11.59 -5.09 -17.25
C GLU A 166 -10.12 -5.30 -17.62
N MET A 167 -9.40 -6.17 -16.94
CA MET A 167 -7.98 -6.33 -17.19
C MET A 167 -7.63 -7.79 -17.41
N PRO A 168 -6.63 -8.07 -18.25
CA PRO A 168 -6.17 -9.44 -18.40
C PRO A 168 -5.47 -9.92 -17.16
N PRO A 169 -5.36 -11.24 -16.96
CA PRO A 169 -4.81 -11.75 -15.71
C PRO A 169 -3.34 -11.49 -15.51
N THR A 170 -2.61 -11.05 -16.53
CA THR A 170 -1.20 -10.69 -16.39
C THR A 170 -1.01 -9.19 -16.13
N ASN A 171 -2.07 -8.40 -16.14
CA ASN A 171 -1.90 -6.97 -15.99
C ASN A 171 -1.20 -6.68 -14.67
N PRO A 172 -0.09 -5.90 -14.66
CA PRO A 172 0.62 -5.71 -13.39
C PRO A 172 -0.20 -5.00 -12.31
N ILE A 173 -1.13 -4.12 -12.67
CA ILE A 173 -2.01 -3.55 -11.66
C ILE A 173 -2.83 -4.63 -10.99
N ARG A 174 -3.45 -5.48 -11.80
CA ARG A 174 -4.27 -6.58 -11.29
C ARG A 174 -3.45 -7.54 -10.45
N LEU A 175 -2.23 -7.88 -10.91
CA LEU A 175 -1.39 -8.80 -10.16
C LEU A 175 -0.98 -8.25 -8.80
N GLY A 176 -0.58 -6.99 -8.75
CA GLY A 176 -0.16 -6.40 -7.47
C GLY A 176 -1.33 -6.22 -6.52
N LEU A 177 -2.52 -5.94 -7.05
CA LEU A 177 -3.72 -5.90 -6.22
C LEU A 177 -3.98 -7.26 -5.58
N ALA A 178 -3.94 -8.32 -6.38
CA ALA A 178 -4.16 -9.65 -5.86
C ALA A 178 -3.10 -10.03 -4.84
N LEU A 179 -1.83 -9.70 -5.13
CA LEU A 179 -0.77 -9.90 -4.16
C LEU A 179 -1.11 -9.22 -2.83
N ASN A 180 -1.45 -7.93 -2.89
CA ASN A 180 -1.68 -7.21 -1.64
C ASN A 180 -2.93 -7.70 -0.92
N PHE A 181 -3.99 -8.06 -1.66
CA PHE A 181 -5.19 -8.61 -1.02
C PHE A 181 -4.88 -9.93 -0.37
N SER A 182 -4.03 -10.77 -1.00
CA SER A 182 -3.63 -12.00 -0.35
C SER A 182 -2.84 -11.73 0.94
N VAL A 183 -2.01 -10.68 0.96
CA VAL A 183 -1.31 -10.32 2.18
C VAL A 183 -2.30 -9.87 3.24
N PHE A 184 -3.30 -9.09 2.86
CA PHE A 184 -4.37 -8.73 3.77
C PHE A 184 -4.97 -9.98 4.39
N HIS A 185 -5.34 -10.96 3.57
CA HIS A 185 -5.97 -12.16 4.11
C HIS A 185 -5.07 -12.89 5.12
N TYR A 186 -3.78 -13.02 4.80
CA TYR A 186 -2.89 -13.79 5.65
C TYR A 186 -2.51 -13.03 6.91
N GLU A 187 -2.15 -11.74 6.76
CA GLU A 187 -1.50 -11.01 7.85
C GLU A 187 -2.48 -10.23 8.71
N ILE A 188 -3.64 -9.82 8.18
CA ILE A 188 -4.61 -8.97 8.86
C ILE A 188 -5.89 -9.72 9.22
N ALA A 189 -6.45 -10.46 8.26
CA ALA A 189 -7.81 -10.99 8.39
C ALA A 189 -7.85 -12.40 8.97
N ASN A 190 -6.71 -12.98 9.33
CA ASN A 190 -6.67 -14.33 9.92
C ASN A 190 -7.31 -15.35 8.99
N SER A 191 -7.08 -15.18 7.69
CA SER A 191 -7.63 -16.06 6.66
C SER A 191 -6.51 -16.61 5.78
N PRO A 192 -5.58 -17.38 6.34
CA PRO A 192 -4.47 -17.89 5.52
C PRO A 192 -4.94 -18.78 4.37
N GLU A 193 -6.01 -19.54 4.53
CA GLU A 193 -6.45 -20.36 3.41
C GLU A 193 -6.94 -19.52 2.24
N GLU A 194 -7.66 -18.43 2.53
CA GLU A 194 -8.07 -17.53 1.46
C GLU A 194 -6.85 -16.92 0.79
N ALA A 195 -5.87 -16.54 1.58
CA ALA A 195 -4.63 -15.95 1.04
C ALA A 195 -3.95 -16.91 0.07
N ILE A 196 -3.79 -18.16 0.48
CA ILE A 196 -3.14 -19.17 -0.36
C ILE A 196 -3.95 -19.42 -1.64
N SER A 197 -5.26 -19.55 -1.50
CA SER A 197 -6.11 -19.80 -2.66
C SER A 197 -6.02 -18.65 -3.67
N LEU A 198 -6.12 -17.41 -3.15
CA LEU A 198 -6.02 -16.27 -4.05
C LEU A 198 -4.65 -16.22 -4.72
N ALA A 199 -3.58 -16.45 -3.96
CA ALA A 199 -2.24 -16.37 -4.57
C ALA A 199 -2.08 -17.44 -5.64
N LYS A 200 -2.55 -18.64 -5.36
CA LYS A 200 -2.41 -19.76 -6.31
C LYS A 200 -3.20 -19.51 -7.59
N THR A 201 -4.48 -19.17 -7.46
CA THR A 201 -5.30 -18.90 -8.64
C THR A 201 -4.74 -17.75 -9.46
N THR A 202 -4.34 -16.67 -8.79
CA THR A 202 -3.76 -15.54 -9.49
C THR A 202 -2.53 -15.96 -10.29
N PHE A 203 -1.64 -16.72 -9.66
CA PHE A 203 -0.42 -17.17 -10.32
C PHE A 203 -0.75 -18.03 -11.53
N ASP A 204 -1.62 -19.01 -11.35
CA ASP A 204 -1.92 -19.95 -12.43
C ASP A 204 -2.61 -19.25 -13.59
N GLU A 205 -3.51 -18.31 -13.32
CA GLU A 205 -4.17 -17.65 -14.43
C GLU A 205 -3.24 -16.71 -15.16
N ALA A 206 -2.29 -16.12 -14.44
CA ALA A 206 -1.30 -15.29 -15.13
C ALA A 206 -0.38 -16.16 -15.97
N MET A 207 0.10 -17.28 -15.43
CA MET A 207 0.93 -18.22 -16.18
C MET A 207 0.34 -18.50 -17.55
N ALA A 208 -0.96 -18.81 -17.58
CA ALA A 208 -1.64 -19.21 -18.80
C ALA A 208 -1.82 -18.08 -19.80
N ASP A 209 -1.58 -16.83 -19.40
CA ASP A 209 -1.73 -15.66 -20.28
C ASP A 209 -0.38 -15.06 -20.69
N LEU A 210 0.74 -15.60 -20.19
CA LEU A 210 2.04 -15.00 -20.48
C LEU A 210 2.37 -15.07 -21.97
N HIS A 211 1.83 -16.06 -22.67
CA HIS A 211 2.15 -16.23 -24.09
C HIS A 211 1.69 -15.04 -24.93
N THR A 212 0.77 -14.21 -24.40
CA THR A 212 0.24 -13.07 -25.15
C THR A 212 1.13 -11.84 -25.07
N LEU A 213 2.18 -11.87 -24.26
CA LEU A 213 2.92 -10.68 -23.85
C LEU A 213 4.21 -10.51 -24.62
N SER A 214 4.61 -9.24 -24.76
CA SER A 214 5.92 -8.88 -25.25
C SER A 214 6.98 -9.20 -24.20
N GLU A 215 8.25 -9.16 -24.63
CA GLU A 215 9.34 -9.41 -23.70
C GLU A 215 9.27 -8.48 -22.49
N ASP A 216 9.03 -7.19 -22.71
CA ASP A 216 9.05 -6.25 -21.59
C ASP A 216 7.89 -6.49 -20.65
N SER A 217 6.69 -6.73 -21.20
CA SER A 217 5.52 -6.99 -20.37
C SER A 217 5.66 -8.31 -19.63
N TYR A 218 6.25 -9.30 -20.29
CA TYR A 218 6.51 -10.57 -19.64
C TYR A 218 7.40 -10.39 -18.42
N LYS A 219 8.43 -9.54 -18.54
CA LYS A 219 9.29 -9.28 -17.39
C LYS A 219 8.51 -8.64 -16.25
N ASP A 220 7.64 -7.67 -16.57
CA ASP A 220 6.83 -7.03 -15.53
C ASP A 220 5.95 -8.06 -14.80
N SER A 221 5.21 -8.84 -15.57
CA SER A 221 4.26 -9.77 -14.97
C SER A 221 4.96 -10.87 -14.19
N THR A 222 6.05 -11.42 -14.72
CA THR A 222 6.70 -12.51 -14.03
C THR A 222 7.37 -12.03 -12.75
N LEU A 223 7.78 -10.76 -12.68
CA LEU A 223 8.33 -10.24 -11.43
C LEU A 223 7.31 -10.32 -10.30
N ILE A 224 6.08 -9.92 -10.58
CA ILE A 224 5.07 -9.95 -9.52
C ILE A 224 4.65 -11.39 -9.24
N MET A 225 4.62 -12.22 -10.28
CA MET A 225 4.30 -13.63 -10.11
C MET A 225 5.29 -14.29 -9.15
N GLN A 226 6.56 -13.89 -9.23
CA GLN A 226 7.55 -14.44 -8.32
C GLN A 226 7.25 -14.08 -6.88
N LEU A 227 6.71 -12.88 -6.63
CA LEU A 227 6.35 -12.51 -5.27
C LEU A 227 5.19 -13.34 -4.75
N LEU A 228 4.20 -13.65 -5.61
CA LEU A 228 3.14 -14.57 -5.23
C LEU A 228 3.74 -15.90 -4.82
N ARG A 229 4.68 -16.40 -5.62
CA ARG A 229 5.35 -17.68 -5.33
C ARG A 229 6.14 -17.61 -4.04
N ASP A 230 6.85 -16.50 -3.81
CA ASP A 230 7.60 -16.33 -2.58
C ASP A 230 6.67 -16.46 -1.38
N ASN A 231 5.51 -15.81 -1.44
CA ASN A 231 4.59 -15.89 -0.32
C ASN A 231 4.03 -17.30 -0.17
N LEU A 232 3.67 -17.95 -1.28
CA LEU A 232 3.17 -19.31 -1.18
C LEU A 232 4.19 -20.23 -0.54
N THR A 233 5.47 -20.01 -0.82
CA THR A 233 6.52 -20.80 -0.17
C THR A 233 6.60 -20.51 1.33
N LEU A 234 6.50 -19.23 1.71
CA LEU A 234 6.46 -18.85 3.12
C LEU A 234 5.26 -19.46 3.84
N TRP A 235 4.12 -19.55 3.16
CA TRP A 235 2.85 -19.86 3.79
C TRP A 235 2.55 -21.34 3.87
N THR A 236 3.30 -22.16 3.14
CA THR A 236 2.98 -23.57 2.96
C THR A 236 4.23 -24.41 3.12
N GLN B 1 8.95 -14.31 9.51
CA GLN B 1 9.15 -13.43 8.37
C GLN B 1 7.79 -12.96 7.83
N ARG B 2 7.69 -11.68 7.49
CA ARG B 2 6.43 -11.12 7.03
C ARG B 2 6.26 -11.32 5.53
N SER B 3 5.00 -11.40 5.13
CA SER B 3 4.65 -11.57 3.73
C SER B 3 5.11 -10.38 2.90
N THR B 4 5.38 -10.64 1.62
CA THR B 4 5.81 -9.61 0.69
C THR B 4 4.63 -9.00 -0.02
N SEP B 5 4.57 -7.67 0.03
CA SEP B 5 3.55 -6.94 -0.71
CB SEP B 5 2.87 -5.87 0.19
OG SEP B 5 3.84 -4.97 0.67
C SEP B 5 4.21 -6.29 -1.93
O SEP B 5 5.42 -6.42 -2.15
P SEP B 5 3.29 -3.95 1.78
O1P SEP B 5 4.55 -3.08 2.08
O2P SEP B 5 2.12 -3.11 1.12
O3P SEP B 5 2.81 -4.76 3.02
N THR B 6 3.41 -5.63 -2.77
CA THR B 6 3.89 -5.05 -4.03
C THR B 6 4.96 -4.05 -3.71
N PRO B 7 6.11 -4.15 -4.36
CA PRO B 7 7.20 -3.19 -4.11
C PRO B 7 7.01 -1.92 -4.93
N ASN B 8 7.83 -0.91 -4.58
CA ASN B 8 7.93 0.29 -5.40
C ASN B 8 8.67 -0.01 -6.69
N VAL B 9 8.26 0.67 -7.76
CA VAL B 9 8.88 0.56 -9.08
C VAL B 9 9.12 1.99 -9.54
N HIS B 10 10.37 2.34 -9.76
CA HIS B 10 10.69 3.68 -10.25
C HIS B 10 10.22 3.77 -11.71
N NH2 B 11 9.61 4.90 -12.07
HN1 NH2 B 11 9.48 5.64 -11.40
HN2 NH2 B 11 9.28 5.00 -13.03
CL CL C . 7.37 10.66 22.88
MG MG D . -2.72 4.99 19.70
MG MG E . 14.63 -7.25 38.43
C14 L6L F . 6.81 -4.83 -11.22
C13 L6L F . 5.89 -3.84 -11.89
C12 L6L F . 4.94 -3.12 -11.17
C11 L6L F . 4.17 -2.24 -11.90
C10 L6L F . 0.76 -0.56 -10.84
C20 L6L F . 4.32 -2.07 -13.27
C19 L6L F . 5.26 -2.81 -13.96
C18 L6L F . 6.04 -3.70 -13.25
C02 L6L F . -1.10 2.81 -13.12
C03 L6L F . -0.56 1.61 -12.34
C04 L6L F . 0.78 1.91 -11.72
C06 L6L F . 2.69 0.96 -10.32
C07 L6L F . 3.70 -0.05 -10.77
C08 L6L F . 3.09 -1.30 -11.30
C09 L6L F . 1.68 -1.68 -11.29
F15 L6L F . 6.82 -5.92 -12.02
F16 L6L F . 6.44 -5.11 -9.94
F17 L6L F . 8.07 -4.32 -11.20
N05 L6L F . 1.38 0.81 -11.01
O21 L6L F . 3.16 -1.84 -9.96
O22 L6L F . 1.30 3.00 -11.84
S01 L6L F . 0.05 3.37 -14.37
H121 L6L F . 4.83 -3.23 -10.11
H101 L6L F . -0.15 -0.60 -11.43
H102 L6L F . 0.51 -0.70 -9.79
H201 L6L F . 3.70 -1.36 -13.80
H191 L6L F . 5.39 -2.68 -15.03
H181 L6L F . 6.78 -4.29 -13.78
H022 L6L F . -2.03 2.52 -13.61
H021 L6L F . -1.29 3.62 -12.42
H032 L6L F . -0.46 0.76 -13.01
H031 L6L F . -1.26 1.35 -11.54
H062 L6L F . 3.08 1.96 -10.52
H061 L6L F . 2.54 0.84 -9.25
H071 L6L F . 4.34 -0.30 -9.93
H072 L6L F . 4.32 0.39 -11.56
H092 L6L F . 1.56 -2.52 -10.60
H091 L6L F . 1.39 -2.00 -12.28
H211 L6L F . 2.63 -1.33 -9.37
#